data_2RVC
#
_entry.id   2RVC
#
_cell.length_a   1.000
_cell.length_b   1.000
_cell.length_c   1.000
_cell.angle_alpha   90.00
_cell.angle_beta   90.00
_cell.angle_gamma   90.00
#
_symmetry.space_group_name_H-M   'P 1'
#
_entity_poly.entity_id   1
_entity_poly.type   'polypeptide(L)'
_entity_poly.pdbx_seq_one_letter_code
;MSAETQMERKIIDFLRQNGKSIALTIAKEIGLDKSTVNRHLYNLQRSNQVFNSNEKPPVWDLME
;
_entity_poly.pdbx_strand_id   A
#
# COMPACT_ATOMS: atom_id res chain seq x y z
N MET A 1 -14.87 9.78 10.15
CA MET A 1 -13.58 10.45 10.22
C MET A 1 -12.95 10.23 11.58
N SER A 2 -12.11 9.25 11.67
CA SER A 2 -11.40 8.93 12.88
C SER A 2 -10.05 8.32 12.52
N ALA A 3 -10.07 7.18 11.82
CA ALA A 3 -8.85 6.46 11.44
C ALA A 3 -9.16 5.36 10.47
N GLU A 4 -10.09 5.65 9.61
CA GLU A 4 -10.53 4.78 8.56
C GLU A 4 -9.37 4.44 7.60
N THR A 5 -8.96 5.42 6.82
CA THR A 5 -7.92 5.30 5.78
C THR A 5 -6.54 4.95 6.40
N GLN A 6 -6.46 5.09 7.71
CA GLN A 6 -5.27 4.80 8.44
C GLN A 6 -4.97 3.31 8.36
N MET A 7 -6.02 2.49 8.21
CA MET A 7 -5.87 1.05 8.18
C MET A 7 -5.09 0.63 6.96
N GLU A 8 -5.51 1.17 5.83
CA GLU A 8 -4.86 0.98 4.55
C GLU A 8 -3.38 1.34 4.63
N ARG A 9 -3.11 2.46 5.22
CA ARG A 9 -1.76 3.01 5.26
C ARG A 9 -0.88 2.20 6.23
N LYS A 10 -1.47 1.66 7.28
CA LYS A 10 -0.71 0.88 8.25
C LYS A 10 -0.29 -0.46 7.71
N ILE A 11 -1.10 -1.05 6.86
CA ILE A 11 -0.77 -2.35 6.37
C ILE A 11 0.29 -2.27 5.33
N ILE A 12 0.25 -1.22 4.52
CA ILE A 12 1.26 -1.08 3.54
C ILE A 12 2.53 -0.62 4.23
N ASP A 13 2.40 0.06 5.38
CA ASP A 13 3.56 0.56 6.11
C ASP A 13 4.37 -0.59 6.66
N PHE A 14 3.66 -1.62 7.10
CA PHE A 14 4.29 -2.86 7.52
C PHE A 14 5.12 -3.43 6.37
N LEU A 15 4.48 -3.53 5.22
CA LEU A 15 5.10 -3.97 3.98
C LEU A 15 6.28 -3.11 3.66
N ARG A 16 6.05 -1.84 3.74
CA ARG A 16 7.00 -0.80 3.51
C ARG A 16 8.29 -1.05 4.25
N GLN A 17 8.11 -1.50 5.45
CA GLN A 17 9.18 -1.81 6.35
C GLN A 17 9.89 -3.09 5.95
N ASN A 18 9.20 -4.05 5.31
CA ASN A 18 9.94 -5.26 4.89
C ASN A 18 10.48 -5.05 3.49
N GLY A 19 9.75 -4.26 2.75
CA GLY A 19 10.11 -3.94 1.42
C GLY A 19 8.90 -3.65 0.53
N LYS A 20 8.42 -2.37 0.56
CA LYS A 20 7.42 -1.85 -0.39
C LYS A 20 7.61 -2.41 -1.80
N SER A 21 6.52 -2.63 -2.48
CA SER A 21 6.57 -3.41 -3.70
C SER A 21 5.19 -3.39 -4.35
N ILE A 22 4.90 -4.35 -5.18
CA ILE A 22 3.62 -4.42 -5.84
C ILE A 22 2.60 -5.08 -4.93
N ALA A 23 1.33 -4.99 -5.34
CA ALA A 23 0.18 -5.51 -4.60
C ALA A 23 0.29 -7.00 -4.26
N LEU A 24 1.06 -7.71 -5.06
CA LEU A 24 1.21 -9.13 -4.91
C LEU A 24 2.02 -9.42 -3.65
N THR A 25 2.97 -8.55 -3.37
CA THR A 25 3.78 -8.69 -2.21
C THR A 25 2.99 -8.34 -0.99
N ILE A 26 2.29 -7.20 -1.07
CA ILE A 26 1.46 -6.70 0.03
C ILE A 26 0.55 -7.81 0.56
N ALA A 27 -0.01 -8.57 -0.37
CA ALA A 27 -0.87 -9.68 -0.04
C ALA A 27 -0.14 -10.71 0.82
N LYS A 28 1.09 -11.03 0.45
CA LYS A 28 1.89 -11.99 1.20
C LYS A 28 2.29 -11.44 2.57
N GLU A 29 2.68 -10.17 2.58
CA GLU A 29 3.09 -9.45 3.79
C GLU A 29 2.06 -9.55 4.88
N ILE A 30 0.83 -9.24 4.53
CA ILE A 30 -0.24 -9.21 5.52
C ILE A 30 -1.04 -10.50 5.56
N GLY A 31 -0.68 -11.43 4.70
CA GLY A 31 -1.35 -12.72 4.63
C GLY A 31 -2.78 -12.60 4.16
N LEU A 32 -3.07 -11.59 3.37
CA LEU A 32 -4.41 -11.37 2.89
C LEU A 32 -4.46 -11.60 1.38
N ASP A 33 -5.60 -11.39 0.79
CA ASP A 33 -5.75 -11.60 -0.62
C ASP A 33 -5.35 -10.33 -1.39
N LYS A 34 -5.05 -10.48 -2.65
CA LYS A 34 -4.59 -9.38 -3.47
C LYS A 34 -5.74 -8.40 -3.77
N SER A 35 -6.97 -8.84 -3.60
CA SER A 35 -8.12 -8.02 -3.94
C SER A 35 -8.36 -7.10 -2.77
N THR A 36 -8.04 -7.62 -1.61
CA THR A 36 -8.09 -6.93 -0.41
C THR A 36 -7.06 -5.80 -0.48
N VAL A 37 -5.85 -6.13 -0.89
CA VAL A 37 -4.78 -5.18 -1.08
C VAL A 37 -5.21 -4.10 -2.05
N ASN A 38 -5.76 -4.54 -3.20
CA ASN A 38 -6.25 -3.62 -4.21
C ASN A 38 -7.16 -2.58 -3.65
N ARG A 39 -8.16 -2.99 -2.87
CA ARG A 39 -9.13 -2.00 -2.34
C ARG A 39 -8.43 -0.97 -1.47
N HIS A 40 -7.49 -1.44 -0.68
CA HIS A 40 -6.78 -0.57 0.25
C HIS A 40 -5.91 0.44 -0.48
N LEU A 41 -5.25 -0.01 -1.52
CA LEU A 41 -4.33 0.85 -2.24
C LEU A 41 -5.08 1.81 -3.12
N TYR A 42 -6.24 1.40 -3.58
CA TYR A 42 -7.08 2.18 -4.37
C TYR A 42 -7.51 3.40 -3.60
N ASN A 43 -7.83 3.20 -2.34
CA ASN A 43 -8.26 4.30 -1.46
C ASN A 43 -7.16 5.32 -1.35
N LEU A 44 -6.00 4.84 -0.99
CA LEU A 44 -4.84 5.67 -0.80
C LEU A 44 -4.37 6.32 -2.11
N GLN A 45 -4.62 5.63 -3.23
CA GLN A 45 -4.18 6.09 -4.55
C GLN A 45 -4.84 7.38 -4.91
N ARG A 46 -6.12 7.36 -4.82
CA ARG A 46 -6.95 8.50 -5.19
C ARG A 46 -6.79 9.62 -4.21
N SER A 47 -6.42 9.23 -3.02
CA SER A 47 -6.16 10.15 -1.97
C SER A 47 -4.76 10.77 -2.10
N ASN A 48 -3.92 10.27 -3.06
CA ASN A 48 -2.55 10.78 -3.27
C ASN A 48 -1.70 10.50 -2.05
N GLN A 49 -2.01 9.39 -1.43
CA GLN A 49 -1.32 8.96 -0.25
C GLN A 49 -0.37 7.88 -0.74
N VAL A 50 -0.90 6.99 -1.54
CA VAL A 50 -0.13 5.93 -2.10
C VAL A 50 -0.34 6.02 -3.59
N PHE A 51 0.64 5.71 -4.28
CA PHE A 51 0.66 5.69 -5.73
C PHE A 51 1.88 4.96 -6.19
N ASN A 52 2.17 4.97 -7.46
CA ASN A 52 3.44 4.44 -7.90
C ASN A 52 4.44 5.53 -7.71
N SER A 53 5.57 5.20 -7.21
CA SER A 53 6.45 6.19 -6.79
C SER A 53 7.84 6.00 -7.37
N ASN A 54 8.29 7.11 -7.92
CA ASN A 54 9.67 7.60 -8.28
C ASN A 54 10.79 6.59 -8.71
N GLU A 55 10.69 5.36 -8.38
CA GLU A 55 11.74 4.46 -8.67
C GLU A 55 11.55 3.85 -10.04
N LYS A 56 12.45 3.03 -10.43
CA LYS A 56 12.42 2.49 -11.76
C LYS A 56 11.37 1.41 -11.93
N PRO A 57 11.22 0.47 -10.98
CA PRO A 57 10.03 -0.34 -10.95
C PRO A 57 8.98 0.49 -10.21
N PRO A 58 7.89 0.94 -10.91
CA PRO A 58 6.85 1.82 -10.30
C PRO A 58 6.31 1.22 -9.01
N VAL A 59 6.78 1.73 -7.88
CA VAL A 59 6.51 1.11 -6.60
C VAL A 59 5.17 1.47 -6.06
N TRP A 60 4.52 0.51 -5.47
CA TRP A 60 3.36 0.79 -4.72
C TRP A 60 3.87 0.97 -3.32
N ASP A 61 4.06 2.21 -3.05
CA ASP A 61 4.65 2.74 -1.87
C ASP A 61 4.18 4.15 -1.79
N LEU A 62 4.68 4.87 -0.90
CA LEU A 62 4.20 6.16 -0.65
C LEU A 62 5.31 7.21 -0.55
N MET A 63 4.96 8.37 -0.05
CA MET A 63 5.90 9.48 0.08
C MET A 63 5.70 10.09 1.47
N GLU A 64 5.36 9.24 2.38
CA GLU A 64 4.97 9.65 3.69
C GLU A 64 5.74 8.78 4.72
N MET A 1 -8.57 11.57 12.58
CA MET A 1 -9.87 10.97 12.88
C MET A 1 -9.70 9.49 12.79
N SER A 2 -10.70 8.74 13.17
CA SER A 2 -10.63 7.30 13.07
C SER A 2 -11.45 6.91 11.86
N ALA A 3 -10.86 6.13 10.99
CA ALA A 3 -11.50 5.71 9.78
C ALA A 3 -10.80 4.47 9.28
N GLU A 4 -11.45 3.77 8.37
CA GLU A 4 -10.92 2.53 7.81
C GLU A 4 -9.63 2.80 7.00
N THR A 5 -9.49 4.01 6.48
CA THR A 5 -8.33 4.41 5.71
C THR A 5 -7.05 4.45 6.57
N GLN A 6 -7.23 4.55 7.89
CA GLN A 6 -6.12 4.58 8.81
C GLN A 6 -5.59 3.14 8.95
N MET A 7 -6.48 2.18 8.72
CA MET A 7 -6.14 0.76 8.75
C MET A 7 -5.33 0.43 7.52
N GLU A 8 -5.78 0.96 6.39
CA GLU A 8 -5.13 0.78 5.09
C GLU A 8 -3.66 1.20 5.18
N ARG A 9 -3.43 2.31 5.84
CA ARG A 9 -2.08 2.82 6.03
C ARG A 9 -1.26 1.89 6.90
N LYS A 10 -1.83 1.40 7.98
CA LYS A 10 -1.05 0.60 8.92
C LYS A 10 -0.56 -0.70 8.34
N ILE A 11 -1.31 -1.25 7.41
CA ILE A 11 -0.93 -2.49 6.83
C ILE A 11 0.13 -2.30 5.78
N ILE A 12 -0.01 -1.24 4.99
CA ILE A 12 0.99 -1.02 3.98
C ILE A 12 2.23 -0.44 4.63
N ASP A 13 2.06 0.26 5.74
CA ASP A 13 3.17 0.88 6.45
C ASP A 13 4.10 -0.21 6.90
N PHE A 14 3.51 -1.23 7.47
CA PHE A 14 4.26 -2.40 7.86
C PHE A 14 5.01 -2.99 6.66
N LEU A 15 4.31 -3.12 5.56
CA LEU A 15 4.86 -3.59 4.35
C LEU A 15 5.92 -2.64 3.79
N ARG A 16 5.91 -1.42 4.20
CA ARG A 16 6.80 -0.43 3.65
C ARG A 16 8.11 -0.57 4.35
N GLN A 17 8.06 -1.13 5.55
CA GLN A 17 9.23 -1.40 6.30
C GLN A 17 9.81 -2.73 5.93
N ASN A 18 9.01 -3.58 5.34
CA ASN A 18 9.50 -4.83 4.78
C ASN A 18 10.08 -4.53 3.41
N GLY A 19 9.37 -3.70 2.68
CA GLY A 19 9.74 -3.31 1.38
C GLY A 19 8.52 -3.07 0.54
N LYS A 20 8.01 -1.81 0.57
CA LYS A 20 6.94 -1.33 -0.31
C LYS A 20 7.13 -1.91 -1.75
N SER A 21 6.05 -2.11 -2.47
CA SER A 21 6.15 -2.83 -3.72
C SER A 21 4.79 -2.88 -4.40
N ILE A 22 4.62 -3.84 -5.28
CA ILE A 22 3.42 -4.03 -6.03
C ILE A 22 2.39 -4.80 -5.21
N ALA A 23 1.21 -4.96 -5.79
CA ALA A 23 0.06 -5.60 -5.17
C ALA A 23 0.32 -7.03 -4.71
N LEU A 24 1.25 -7.71 -5.36
CA LEU A 24 1.52 -9.11 -5.07
C LEU A 24 2.26 -9.21 -3.75
N THR A 25 3.22 -8.34 -3.57
CA THR A 25 4.04 -8.34 -2.39
C THR A 25 3.23 -7.99 -1.17
N ILE A 26 2.48 -6.91 -1.25
CA ILE A 26 1.68 -6.43 -0.13
C ILE A 26 0.83 -7.56 0.42
N ALA A 27 0.24 -8.33 -0.48
CA ALA A 27 -0.57 -9.47 -0.12
C ALA A 27 0.23 -10.47 0.71
N LYS A 28 1.46 -10.74 0.27
CA LYS A 28 2.33 -11.65 0.92
C LYS A 28 2.78 -11.13 2.29
N GLU A 29 2.85 -9.84 2.43
CA GLU A 29 3.36 -9.26 3.66
C GLU A 29 2.26 -9.13 4.68
N ILE A 30 1.08 -8.84 4.23
CA ILE A 30 -0.01 -8.62 5.15
C ILE A 30 -0.86 -9.87 5.35
N GLY A 31 -0.64 -10.86 4.51
CA GLY A 31 -1.35 -12.11 4.61
C GLY A 31 -2.77 -12.02 4.08
N LEU A 32 -3.00 -11.03 3.25
CA LEU A 32 -4.33 -10.84 2.69
C LEU A 32 -4.30 -11.18 1.22
N ASP A 33 -5.44 -11.07 0.56
CA ASP A 33 -5.51 -11.41 -0.84
C ASP A 33 -5.11 -10.22 -1.72
N LYS A 34 -4.83 -10.51 -2.96
CA LYS A 34 -4.44 -9.55 -3.96
C LYS A 34 -5.56 -8.53 -4.21
N SER A 35 -6.81 -8.95 -4.04
CA SER A 35 -7.94 -8.10 -4.36
C SER A 35 -8.12 -7.13 -3.23
N THR A 36 -7.79 -7.61 -2.06
CA THR A 36 -7.80 -6.86 -0.89
C THR A 36 -6.76 -5.75 -1.03
N VAL A 37 -5.55 -6.13 -1.46
CA VAL A 37 -4.48 -5.19 -1.72
C VAL A 37 -4.89 -4.17 -2.78
N ASN A 38 -5.59 -4.64 -3.82
CA ASN A 38 -6.11 -3.73 -4.86
C ASN A 38 -6.97 -2.66 -4.23
N ARG A 39 -7.82 -3.05 -3.31
CA ARG A 39 -8.65 -2.12 -2.57
C ARG A 39 -7.77 -1.08 -1.85
N HIS A 40 -6.80 -1.60 -1.10
CA HIS A 40 -5.96 -0.78 -0.24
C HIS A 40 -5.20 0.28 -1.03
N LEU A 41 -4.70 -0.12 -2.17
CA LEU A 41 -3.88 0.75 -2.97
C LEU A 41 -4.72 1.78 -3.67
N TYR A 42 -5.92 1.41 -3.99
CA TYR A 42 -6.82 2.25 -4.64
C TYR A 42 -7.26 3.36 -3.75
N ASN A 43 -7.54 2.99 -2.51
CA ASN A 43 -8.00 3.92 -1.50
C ASN A 43 -6.95 4.94 -1.22
N LEU A 44 -5.75 4.46 -1.00
CA LEU A 44 -4.67 5.33 -0.64
C LEU A 44 -4.21 6.16 -1.83
N GLN A 45 -4.37 5.62 -3.05
CA GLN A 45 -4.01 6.37 -4.25
C GLN A 45 -4.88 7.58 -4.39
N ARG A 46 -6.13 7.45 -3.97
CA ARG A 46 -7.12 8.55 -4.07
C ARG A 46 -6.65 9.73 -3.26
N SER A 47 -6.02 9.45 -2.16
CA SER A 47 -5.59 10.45 -1.25
C SER A 47 -4.11 10.80 -1.42
N ASN A 48 -3.43 10.22 -2.45
CA ASN A 48 -2.00 10.43 -2.65
C ASN A 48 -1.21 9.91 -1.45
N GLN A 49 -1.78 8.90 -0.81
CA GLN A 49 -1.15 8.29 0.34
C GLN A 49 -0.33 7.13 -0.18
N VAL A 50 -0.66 6.71 -1.34
CA VAL A 50 0.09 5.74 -2.00
C VAL A 50 -0.18 5.94 -3.46
N PHE A 51 0.76 5.67 -4.19
CA PHE A 51 0.75 5.72 -5.63
C PHE A 51 1.95 4.98 -6.12
N ASN A 52 2.00 4.70 -7.40
CA ASN A 52 3.13 3.95 -7.97
C ASN A 52 4.10 4.82 -8.66
N SER A 53 5.32 4.79 -8.18
CA SER A 53 6.33 5.73 -8.67
C SER A 53 7.77 5.25 -8.31
N ASN A 54 8.64 6.27 -8.13
CA ASN A 54 10.03 6.28 -7.55
C ASN A 54 11.09 5.33 -8.13
N GLU A 55 10.71 4.29 -8.78
CA GLU A 55 11.67 3.32 -9.20
C GLU A 55 11.24 2.60 -10.45
N LYS A 56 12.14 1.74 -10.97
CA LYS A 56 11.89 1.00 -12.21
C LYS A 56 10.62 0.14 -12.13
N PRO A 57 10.41 -0.66 -11.05
CA PRO A 57 9.13 -1.27 -10.84
C PRO A 57 8.24 -0.23 -10.15
N PRO A 58 7.16 0.25 -10.82
CA PRO A 58 6.27 1.29 -10.26
C PRO A 58 5.87 0.94 -8.83
N VAL A 59 6.42 1.66 -7.87
CA VAL A 59 6.28 1.26 -6.50
C VAL A 59 5.09 1.85 -5.87
N TRP A 60 4.31 1.02 -5.27
CA TRP A 60 3.28 1.49 -4.45
C TRP A 60 3.93 1.73 -3.14
N ASP A 61 4.27 2.95 -2.98
CA ASP A 61 5.03 3.46 -1.91
C ASP A 61 4.54 4.83 -1.64
N LEU A 62 5.04 5.35 -0.64
CA LEU A 62 4.70 6.64 -0.16
C LEU A 62 5.96 7.44 0.20
N MET A 63 5.80 8.49 0.99
CA MET A 63 6.94 9.26 1.46
C MET A 63 6.93 9.31 2.98
N GLU A 64 5.93 9.98 3.50
CA GLU A 64 5.71 10.20 4.92
C GLU A 64 5.38 8.89 5.64
N MET A 1 -12.30 15.41 9.82
CA MET A 1 -11.60 14.35 9.09
C MET A 1 -11.84 13.07 9.85
N SER A 2 -12.04 12.00 9.15
CA SER A 2 -12.29 10.72 9.79
C SER A 2 -11.11 9.81 9.51
N ALA A 3 -10.85 8.88 10.39
CA ALA A 3 -9.75 7.97 10.20
C ALA A 3 -10.16 6.78 9.35
N GLU A 4 -10.24 7.03 8.07
CA GLU A 4 -10.55 6.00 7.09
C GLU A 4 -9.26 5.40 6.60
N THR A 5 -8.51 6.24 5.90
CA THR A 5 -7.27 5.96 5.19
C THR A 5 -6.11 5.39 6.10
N GLN A 6 -6.40 5.24 7.37
CA GLN A 6 -5.42 4.84 8.34
C GLN A 6 -5.14 3.35 8.22
N MET A 7 -6.15 2.56 7.91
CA MET A 7 -6.01 1.10 7.93
C MET A 7 -5.17 0.65 6.77
N GLU A 8 -5.53 1.16 5.65
CA GLU A 8 -4.92 0.94 4.39
C GLU A 8 -3.45 1.30 4.47
N ARG A 9 -3.17 2.44 5.06
CA ARG A 9 -1.82 2.90 5.13
C ARG A 9 -1.01 2.02 6.09
N LYS A 10 -1.64 1.57 7.17
CA LYS A 10 -0.93 0.78 8.18
C LYS A 10 -0.46 -0.56 7.65
N ILE A 11 -1.22 -1.16 6.74
CA ILE A 11 -0.83 -2.46 6.23
C ILE A 11 0.30 -2.31 5.24
N ILE A 12 0.21 -1.28 4.40
CA ILE A 12 1.24 -1.10 3.45
C ILE A 12 2.50 -0.62 4.15
N ASP A 13 2.36 0.12 5.26
CA ASP A 13 3.52 0.68 5.96
C ASP A 13 4.30 -0.45 6.60
N PHE A 14 3.56 -1.48 7.02
CA PHE A 14 4.15 -2.69 7.53
C PHE A 14 5.12 -3.26 6.51
N LEU A 15 4.61 -3.59 5.31
CA LEU A 15 5.53 -4.16 4.35
C LEU A 15 6.40 -3.11 3.69
N ARG A 16 6.09 -1.84 3.91
CA ARG A 16 6.90 -0.73 3.45
C ARG A 16 8.26 -0.81 4.10
N GLN A 17 8.23 -0.92 5.42
CA GLN A 17 9.42 -1.02 6.23
C GLN A 17 10.16 -2.33 5.92
N ASN A 18 9.41 -3.34 5.52
CA ASN A 18 10.01 -4.62 5.14
C ASN A 18 10.60 -4.49 3.74
N GLY A 19 9.89 -3.77 2.92
CA GLY A 19 10.28 -3.52 1.57
C GLY A 19 9.07 -3.41 0.63
N LYS A 20 8.48 -2.18 0.53
CA LYS A 20 7.42 -1.84 -0.44
C LYS A 20 7.59 -2.50 -1.82
N SER A 21 6.48 -2.73 -2.51
CA SER A 21 6.53 -3.54 -3.70
C SER A 21 5.16 -3.49 -4.37
N ILE A 22 4.85 -4.49 -5.15
CA ILE A 22 3.58 -4.59 -5.84
C ILE A 22 2.52 -5.16 -4.92
N ALA A 23 1.27 -5.04 -5.35
CA ALA A 23 0.10 -5.50 -4.59
C ALA A 23 0.12 -6.99 -4.30
N LEU A 24 0.84 -7.74 -5.14
CA LEU A 24 0.91 -9.20 -5.01
C LEU A 24 1.76 -9.52 -3.78
N THR A 25 2.76 -8.69 -3.58
CA THR A 25 3.64 -8.84 -2.48
C THR A 25 2.92 -8.50 -1.20
N ILE A 26 2.26 -7.34 -1.17
CA ILE A 26 1.51 -6.91 0.01
C ILE A 26 0.64 -8.03 0.54
N ALA A 27 -0.05 -8.68 -0.40
CA ALA A 27 -0.94 -9.78 -0.08
C ALA A 27 -0.25 -10.88 0.71
N LYS A 28 0.97 -11.23 0.34
CA LYS A 28 1.64 -12.32 1.01
C LYS A 28 2.18 -11.90 2.35
N GLU A 29 2.71 -10.72 2.39
CA GLU A 29 3.36 -10.16 3.59
C GLU A 29 2.36 -10.00 4.73
N ILE A 30 1.18 -9.51 4.41
CA ILE A 30 0.18 -9.31 5.43
C ILE A 30 -0.71 -10.52 5.58
N GLY A 31 -0.50 -11.50 4.71
CA GLY A 31 -1.26 -12.73 4.73
C GLY A 31 -2.71 -12.53 4.36
N LEU A 32 -2.99 -11.49 3.59
CA LEU A 32 -4.35 -11.19 3.23
C LEU A 32 -4.58 -11.42 1.75
N ASP A 33 -5.78 -11.14 1.31
CA ASP A 33 -6.15 -11.34 -0.07
C ASP A 33 -5.62 -10.23 -1.00
N LYS A 34 -5.42 -10.60 -2.25
CA LYS A 34 -4.86 -9.78 -3.29
C LYS A 34 -5.80 -8.63 -3.70
N SER A 35 -7.10 -8.88 -3.69
CA SER A 35 -8.06 -7.91 -4.15
C SER A 35 -8.34 -6.98 -3.01
N THR A 36 -8.17 -7.52 -1.85
CA THR A 36 -8.23 -6.86 -0.65
C THR A 36 -7.10 -5.79 -0.61
N VAL A 37 -5.87 -6.17 -0.94
CA VAL A 37 -4.78 -5.22 -1.01
C VAL A 37 -5.11 -4.13 -2.01
N ASN A 38 -5.52 -4.54 -3.20
CA ASN A 38 -5.84 -3.62 -4.28
C ASN A 38 -6.85 -2.58 -3.86
N ARG A 39 -7.93 -3.03 -3.24
CA ARG A 39 -9.00 -2.09 -2.86
C ARG A 39 -8.48 -1.05 -1.86
N HIS A 40 -7.65 -1.50 -0.94
CA HIS A 40 -7.14 -0.64 0.11
C HIS A 40 -6.13 0.38 -0.44
N LEU A 41 -5.33 -0.05 -1.40
CA LEU A 41 -4.35 0.84 -1.97
C LEU A 41 -5.02 1.84 -2.87
N TYR A 42 -6.11 1.43 -3.49
CA TYR A 42 -6.88 2.27 -4.29
C TYR A 42 -7.42 3.45 -3.55
N ASN A 43 -7.79 3.21 -2.31
CA ASN A 43 -8.29 4.29 -1.44
C ASN A 43 -7.19 5.29 -1.20
N LEU A 44 -6.03 4.79 -0.78
CA LEU A 44 -4.85 5.64 -0.53
C LEU A 44 -4.44 6.38 -1.81
N GLN A 45 -4.59 5.69 -2.92
CA GLN A 45 -4.23 6.20 -4.22
C GLN A 45 -5.10 7.38 -4.60
N ARG A 46 -6.37 7.34 -4.17
CA ARG A 46 -7.33 8.42 -4.46
C ARG A 46 -6.87 9.70 -3.82
N SER A 47 -6.25 9.55 -2.68
CA SER A 47 -5.82 10.64 -1.88
C SER A 47 -4.38 11.04 -2.22
N ASN A 48 -3.72 10.32 -3.18
CA ASN A 48 -2.34 10.56 -3.54
C ASN A 48 -1.45 10.34 -2.34
N GLN A 49 -1.76 9.30 -1.60
CA GLN A 49 -0.97 8.95 -0.47
C GLN A 49 -0.14 7.79 -0.90
N VAL A 50 -0.77 6.86 -1.56
CA VAL A 50 -0.10 5.76 -2.13
C VAL A 50 -0.35 5.83 -3.63
N PHE A 51 0.63 5.59 -4.34
CA PHE A 51 0.64 5.53 -5.78
C PHE A 51 1.91 4.88 -6.24
N ASN A 52 2.15 4.86 -7.52
CA ASN A 52 3.39 4.31 -8.04
C ASN A 52 4.36 5.43 -8.16
N SER A 53 5.54 5.23 -7.66
CA SER A 53 6.47 6.32 -7.57
C SER A 53 7.93 5.83 -7.41
N ASN A 54 8.75 6.78 -6.93
CA ASN A 54 10.15 6.69 -6.39
C ASN A 54 11.24 5.98 -7.21
N GLU A 55 10.90 5.14 -8.11
CA GLU A 55 11.91 4.33 -8.73
C GLU A 55 11.52 3.87 -10.12
N LYS A 56 12.45 3.17 -10.78
CA LYS A 56 12.23 2.67 -12.13
C LYS A 56 11.06 1.68 -12.20
N PRO A 57 10.97 0.68 -11.29
CA PRO A 57 9.76 -0.10 -11.18
C PRO A 57 8.76 0.72 -10.37
N PRO A 58 7.65 1.17 -10.98
CA PRO A 58 6.65 2.02 -10.31
C PRO A 58 6.18 1.39 -9.00
N VAL A 59 6.69 1.89 -7.89
CA VAL A 59 6.51 1.24 -6.61
C VAL A 59 5.18 1.55 -6.01
N TRP A 60 4.55 0.55 -5.45
CA TRP A 60 3.40 0.79 -4.67
C TRP A 60 3.96 0.99 -3.30
N ASP A 61 4.09 2.23 -3.03
CA ASP A 61 4.70 2.79 -1.87
C ASP A 61 4.06 4.12 -1.75
N LEU A 62 4.51 4.87 -0.88
CA LEU A 62 3.83 6.07 -0.53
C LEU A 62 4.73 7.30 -0.55
N MET A 63 4.28 8.34 0.12
CA MET A 63 5.02 9.55 0.24
C MET A 63 5.41 9.57 1.69
N GLU A 64 4.39 9.31 2.52
CA GLU A 64 4.47 9.16 3.93
C GLU A 64 3.02 9.11 4.35
N MET A 1 -10.92 8.04 13.08
CA MET A 1 -10.08 9.23 13.07
C MET A 1 -10.38 10.02 11.82
N SER A 2 -9.62 11.06 11.57
CA SER A 2 -9.78 11.84 10.37
C SER A 2 -9.17 11.05 9.21
N ALA A 3 -10.06 10.33 8.50
CA ALA A 3 -9.70 9.46 7.38
C ALA A 3 -9.03 8.18 7.88
N GLU A 4 -9.69 7.07 7.65
CA GLU A 4 -9.24 5.77 8.12
C GLU A 4 -8.07 5.19 7.34
N THR A 5 -7.44 6.03 6.53
CA THR A 5 -6.27 5.66 5.73
C THR A 5 -5.12 5.14 6.64
N GLN A 6 -5.26 5.39 7.93
CA GLN A 6 -4.39 4.87 8.95
C GLN A 6 -4.41 3.34 8.97
N MET A 7 -5.47 2.73 8.46
CA MET A 7 -5.58 1.29 8.43
C MET A 7 -4.62 0.75 7.41
N GLU A 8 -4.72 1.29 6.23
CA GLU A 8 -3.88 0.97 5.12
C GLU A 8 -2.44 1.27 5.44
N ARG A 9 -2.21 2.37 6.15
CA ARG A 9 -0.87 2.72 6.52
C ARG A 9 -0.25 1.69 7.41
N LYS A 10 -1.02 1.10 8.28
CA LYS A 10 -0.50 0.04 9.13
C LYS A 10 -0.07 -1.17 8.32
N ILE A 11 -0.88 -1.57 7.35
CA ILE A 11 -0.58 -2.77 6.62
C ILE A 11 0.52 -2.55 5.63
N ILE A 12 0.50 -1.41 4.96
CA ILE A 12 1.49 -1.18 3.99
C ILE A 12 2.78 -0.76 4.65
N ASP A 13 2.75 -0.13 5.83
CA ASP A 13 4.00 0.33 6.42
C ASP A 13 4.78 -0.83 6.94
N PHE A 14 4.06 -1.85 7.38
CA PHE A 14 4.63 -3.11 7.76
C PHE A 14 5.40 -3.68 6.55
N LEU A 15 4.67 -3.82 5.46
CA LEU A 15 5.20 -4.29 4.21
C LEU A 15 6.27 -3.36 3.67
N ARG A 16 6.14 -2.11 3.96
CA ARG A 16 7.06 -1.11 3.53
C ARG A 16 8.40 -1.32 4.13
N GLN A 17 8.38 -1.61 5.39
CA GLN A 17 9.58 -1.92 6.15
C GLN A 17 10.20 -3.22 5.62
N ASN A 18 9.36 -4.10 5.08
CA ASN A 18 9.85 -5.35 4.48
C ASN A 18 10.39 -5.03 3.10
N GLY A 19 9.69 -4.14 2.44
CA GLY A 19 10.02 -3.70 1.13
C GLY A 19 8.77 -3.36 0.33
N LYS A 20 8.26 -2.10 0.47
CA LYS A 20 7.17 -1.57 -0.37
C LYS A 20 7.27 -2.01 -1.84
N SER A 21 6.13 -2.19 -2.47
CA SER A 21 6.05 -2.89 -3.75
C SER A 21 4.61 -2.89 -4.26
N ILE A 22 4.30 -3.78 -5.20
CA ILE A 22 2.98 -3.87 -5.79
C ILE A 22 1.98 -4.60 -4.88
N ALA A 23 0.73 -4.59 -5.32
CA ALA A 23 -0.40 -5.18 -4.60
C ALA A 23 -0.20 -6.66 -4.27
N LEU A 24 0.49 -7.37 -5.16
CA LEU A 24 0.69 -8.80 -5.01
C LEU A 24 1.65 -9.04 -3.86
N THR A 25 2.59 -8.14 -3.69
CA THR A 25 3.56 -8.28 -2.66
C THR A 25 2.92 -8.04 -1.31
N ILE A 26 2.21 -6.92 -1.18
CA ILE A 26 1.55 -6.55 0.06
C ILE A 26 0.75 -7.72 0.60
N ALA A 27 -0.03 -8.33 -0.28
CA ALA A 27 -0.85 -9.48 0.05
C ALA A 27 0.00 -10.61 0.61
N LYS A 28 1.15 -10.85 -0.01
CA LYS A 28 2.04 -11.89 0.39
C LYS A 28 2.70 -11.59 1.73
N GLU A 29 2.95 -10.34 2.00
CA GLU A 29 3.66 -9.97 3.21
C GLU A 29 2.73 -9.95 4.39
N ILE A 30 1.51 -9.53 4.17
CA ILE A 30 0.55 -9.43 5.26
C ILE A 30 -0.27 -10.70 5.39
N GLY A 31 -0.19 -11.55 4.38
CA GLY A 31 -0.90 -12.81 4.39
C GLY A 31 -2.38 -12.62 4.16
N LEU A 32 -2.74 -11.54 3.50
CA LEU A 32 -4.14 -11.24 3.29
C LEU A 32 -4.49 -11.34 1.82
N ASP A 33 -5.76 -11.16 1.54
CA ASP A 33 -6.27 -11.26 0.18
C ASP A 33 -5.76 -10.13 -0.74
N LYS A 34 -5.35 -10.54 -1.92
CA LYS A 34 -4.82 -9.68 -2.97
C LYS A 34 -5.83 -8.62 -3.46
N SER A 35 -7.10 -8.92 -3.41
CA SER A 35 -8.10 -8.04 -3.96
C SER A 35 -8.46 -7.00 -2.93
N THR A 36 -8.25 -7.39 -1.71
CA THR A 36 -8.36 -6.60 -0.60
C THR A 36 -7.28 -5.50 -0.63
N VAL A 37 -6.02 -5.88 -0.84
CA VAL A 37 -4.95 -4.92 -1.00
C VAL A 37 -5.27 -3.96 -2.13
N ASN A 38 -5.64 -4.52 -3.30
CA ASN A 38 -6.01 -3.72 -4.47
C ASN A 38 -7.05 -2.68 -4.14
N ARG A 39 -8.09 -3.11 -3.46
CA ARG A 39 -9.17 -2.27 -3.05
C ARG A 39 -8.67 -1.07 -2.27
N HIS A 40 -7.91 -1.35 -1.27
CA HIS A 40 -7.43 -0.35 -0.35
C HIS A 40 -6.47 0.64 -1.01
N LEU A 41 -5.67 0.16 -1.93
CA LEU A 41 -4.72 1.02 -2.61
C LEU A 41 -5.40 1.82 -3.68
N TYR A 42 -6.51 1.30 -4.19
CA TYR A 42 -7.29 1.97 -5.11
C TYR A 42 -7.82 3.25 -4.51
N ASN A 43 -8.19 3.15 -3.26
CA ASN A 43 -8.71 4.27 -2.49
C ASN A 43 -7.61 5.29 -2.31
N LEU A 44 -6.45 4.80 -1.93
CA LEU A 44 -5.35 5.65 -1.60
C LEU A 44 -4.78 6.33 -2.83
N GLN A 45 -4.83 5.67 -3.97
CA GLN A 45 -4.32 6.24 -5.19
C GLN A 45 -5.12 7.45 -5.57
N ARG A 46 -6.42 7.29 -5.53
CA ARG A 46 -7.36 8.35 -5.75
C ARG A 46 -7.18 9.49 -4.76
N SER A 47 -6.84 9.13 -3.55
CA SER A 47 -6.65 10.07 -2.50
C SER A 47 -5.20 10.64 -2.48
N ASN A 48 -4.31 10.16 -3.41
CA ASN A 48 -2.92 10.63 -3.46
C ASN A 48 -2.17 10.24 -2.20
N GLN A 49 -2.58 9.15 -1.59
CA GLN A 49 -1.98 8.69 -0.36
C GLN A 49 -1.11 7.47 -0.73
N VAL A 50 -1.39 6.93 -1.89
CA VAL A 50 -0.58 5.92 -2.44
C VAL A 50 -0.62 6.13 -3.92
N PHE A 51 0.45 5.92 -4.50
CA PHE A 51 0.63 5.97 -5.92
C PHE A 51 1.94 5.33 -6.26
N ASN A 52 2.33 5.36 -7.51
CA ASN A 52 3.61 4.80 -7.87
C ASN A 52 4.63 5.86 -7.77
N SER A 53 5.78 5.51 -7.31
CA SER A 53 6.74 6.49 -7.05
C SER A 53 8.15 6.06 -7.47
N ASN A 54 8.74 7.03 -8.16
CA ASN A 54 10.19 7.33 -8.48
C ASN A 54 11.24 6.19 -8.64
N GLU A 55 11.01 5.04 -8.12
CA GLU A 55 12.02 4.03 -8.13
C GLU A 55 11.93 3.19 -9.38
N LYS A 56 12.75 2.19 -9.49
CA LYS A 56 12.76 1.43 -10.73
C LYS A 56 11.55 0.53 -10.90
N PRO A 57 11.17 -0.28 -9.90
CA PRO A 57 9.87 -0.89 -9.91
C PRO A 57 8.90 0.19 -9.44
N PRO A 58 7.86 0.54 -10.23
CA PRO A 58 6.89 1.58 -9.83
C PRO A 58 6.27 1.22 -8.48
N VAL A 59 6.77 1.85 -7.44
CA VAL A 59 6.43 1.43 -6.09
C VAL A 59 5.07 1.86 -5.67
N TRP A 60 4.38 0.98 -5.00
CA TRP A 60 3.22 1.38 -4.32
C TRP A 60 3.69 1.63 -2.93
N ASP A 61 3.87 2.90 -2.72
CA ASP A 61 4.38 3.51 -1.53
C ASP A 61 4.10 4.99 -1.67
N LEU A 62 4.57 5.74 -0.78
CA LEU A 62 4.44 7.15 -0.74
C LEU A 62 5.86 7.69 -0.41
N MET A 63 6.02 8.91 0.07
CA MET A 63 7.34 9.36 0.45
C MET A 63 7.40 9.39 1.96
N GLU A 64 6.28 9.77 2.51
CA GLU A 64 6.05 9.92 3.87
C GLU A 64 5.13 8.81 4.40
N MET A 1 -13.13 10.19 6.47
CA MET A 1 -13.46 11.11 7.54
C MET A 1 -13.11 10.53 8.90
N SER A 2 -13.45 9.29 9.14
CA SER A 2 -13.27 8.65 10.43
C SER A 2 -11.94 7.88 10.50
N ALA A 3 -10.95 8.38 9.75
CA ALA A 3 -9.61 7.79 9.66
C ALA A 3 -9.65 6.36 9.16
N GLU A 4 -10.28 6.22 8.03
CA GLU A 4 -10.43 4.99 7.33
C GLU A 4 -9.04 4.52 6.90
N THR A 5 -8.32 5.46 6.27
CA THR A 5 -6.98 5.31 5.71
C THR A 5 -5.97 4.76 6.76
N GLN A 6 -6.31 4.89 8.02
CA GLN A 6 -5.51 4.39 9.11
C GLN A 6 -5.38 2.85 9.04
N MET A 7 -6.36 2.20 8.43
CA MET A 7 -6.35 0.75 8.28
C MET A 7 -5.27 0.31 7.35
N GLU A 8 -5.27 0.91 6.21
CA GLU A 8 -4.33 0.63 5.17
C GLU A 8 -2.97 1.07 5.58
N ARG A 9 -2.91 2.19 6.24
CA ARG A 9 -1.64 2.77 6.61
C ARG A 9 -0.87 1.91 7.55
N LYS A 10 -1.53 1.26 8.45
CA LYS A 10 -0.80 0.38 9.35
C LYS A 10 -0.40 -0.92 8.65
N ILE A 11 -1.22 -1.40 7.73
CA ILE A 11 -0.89 -2.65 7.07
C ILE A 11 0.15 -2.49 6.01
N ILE A 12 0.08 -1.40 5.27
CA ILE A 12 1.06 -1.18 4.27
C ILE A 12 2.33 -0.74 4.94
N ASP A 13 2.24 -0.15 6.13
CA ASP A 13 3.46 0.37 6.75
C ASP A 13 4.31 -0.77 7.26
N PHE A 14 3.64 -1.84 7.66
CA PHE A 14 4.30 -3.07 7.98
C PHE A 14 5.07 -3.54 6.74
N LEU A 15 4.34 -3.65 5.62
CA LEU A 15 4.89 -4.02 4.36
C LEU A 15 5.94 -3.05 3.90
N ARG A 16 5.76 -1.81 4.20
CA ARG A 16 6.66 -0.74 3.86
C ARG A 16 8.02 -1.00 4.41
N GLN A 17 8.03 -1.33 5.66
CA GLN A 17 9.22 -1.64 6.41
C GLN A 17 9.79 -2.99 6.01
N ASN A 18 8.99 -3.85 5.38
CA ASN A 18 9.54 -5.12 4.85
C ASN A 18 10.07 -4.85 3.46
N GLY A 19 9.35 -4.01 2.76
CA GLY A 19 9.70 -3.58 1.46
C GLY A 19 8.48 -3.20 0.63
N LYS A 20 8.00 -1.92 0.74
CA LYS A 20 6.96 -1.37 -0.13
C LYS A 20 7.24 -1.75 -1.59
N SER A 21 6.20 -2.00 -2.35
CA SER A 21 6.40 -2.72 -3.60
C SER A 21 5.10 -2.72 -4.39
N ILE A 22 4.94 -3.72 -5.22
CA ILE A 22 3.80 -3.84 -6.07
C ILE A 22 2.60 -4.39 -5.32
N ALA A 23 1.46 -4.34 -5.98
CA ALA A 23 0.14 -4.74 -5.46
C ALA A 23 0.06 -6.22 -5.12
N LEU A 24 1.02 -6.95 -5.56
CA LEU A 24 1.08 -8.36 -5.28
C LEU A 24 1.74 -8.60 -3.94
N THR A 25 2.88 -7.98 -3.79
CA THR A 25 3.75 -8.16 -2.66
C THR A 25 3.04 -7.96 -1.34
N ILE A 26 2.31 -6.86 -1.22
CA ILE A 26 1.60 -6.51 0.01
C ILE A 26 0.80 -7.70 0.54
N ALA A 27 0.09 -8.37 -0.36
CA ALA A 27 -0.75 -9.50 -0.01
C ALA A 27 0.07 -10.64 0.55
N LYS A 28 1.28 -10.83 0.05
CA LYS A 28 2.12 -11.85 0.44
C LYS A 28 2.74 -11.55 1.81
N GLU A 29 3.02 -10.28 2.08
CA GLU A 29 3.72 -9.90 3.30
C GLU A 29 2.78 -9.88 4.47
N ILE A 30 1.55 -9.48 4.22
CA ILE A 30 0.59 -9.41 5.30
C ILE A 30 -0.21 -10.70 5.39
N GLY A 31 -0.06 -11.55 4.38
CA GLY A 31 -0.75 -12.82 4.34
C GLY A 31 -2.24 -12.68 4.17
N LEU A 32 -2.66 -11.61 3.54
CA LEU A 32 -4.07 -11.33 3.39
C LEU A 32 -4.47 -11.40 1.94
N ASP A 33 -5.76 -11.29 1.71
CA ASP A 33 -6.35 -11.30 0.37
C ASP A 33 -5.80 -10.17 -0.51
N LYS A 34 -5.50 -10.49 -1.75
CA LYS A 34 -4.93 -9.55 -2.67
C LYS A 34 -5.99 -8.61 -3.24
N SER A 35 -7.26 -8.98 -3.12
CA SER A 35 -8.33 -8.16 -3.64
C SER A 35 -8.42 -6.99 -2.75
N THR A 36 -8.35 -7.29 -1.47
CA THR A 36 -8.30 -6.39 -0.44
C THR A 36 -7.13 -5.40 -0.60
N VAL A 37 -5.91 -5.90 -0.77
CA VAL A 37 -4.76 -5.09 -1.01
C VAL A 37 -4.97 -4.15 -2.18
N ASN A 38 -5.34 -4.71 -3.33
CA ASN A 38 -5.51 -3.95 -4.57
C ASN A 38 -6.55 -2.87 -4.40
N ARG A 39 -7.61 -3.23 -3.76
CA ARG A 39 -8.71 -2.35 -3.49
C ARG A 39 -8.26 -1.19 -2.65
N HIS A 40 -7.66 -1.52 -1.57
CA HIS A 40 -7.26 -0.56 -0.58
C HIS A 40 -6.16 0.38 -1.05
N LEU A 41 -5.28 -0.10 -1.89
CA LEU A 41 -4.22 0.73 -2.41
C LEU A 41 -4.76 1.68 -3.44
N TYR A 42 -5.81 1.26 -4.12
CA TYR A 42 -6.45 2.08 -5.04
C TYR A 42 -7.10 3.26 -4.38
N ASN A 43 -7.61 3.01 -3.19
CA ASN A 43 -8.25 4.05 -2.36
C ASN A 43 -7.23 5.08 -1.98
N LEU A 44 -6.07 4.61 -1.57
CA LEU A 44 -5.01 5.48 -1.13
C LEU A 44 -4.49 6.30 -2.31
N GLN A 45 -4.45 5.68 -3.48
CA GLN A 45 -4.03 6.35 -4.69
C GLN A 45 -4.95 7.50 -5.02
N ARG A 46 -6.24 7.30 -4.75
CA ARG A 46 -7.27 8.33 -5.04
C ARG A 46 -6.96 9.60 -4.28
N SER A 47 -6.42 9.43 -3.12
CA SER A 47 -6.15 10.52 -2.24
C SER A 47 -4.69 10.99 -2.32
N ASN A 48 -3.89 10.41 -3.26
CA ASN A 48 -2.46 10.74 -3.38
C ASN A 48 -1.73 10.41 -2.09
N GLN A 49 -2.17 9.35 -1.45
CA GLN A 49 -1.57 8.90 -0.23
C GLN A 49 -0.52 7.91 -0.68
N VAL A 50 -0.93 7.03 -1.54
CA VAL A 50 -0.07 6.09 -2.13
C VAL A 50 -0.24 6.25 -3.63
N PHE A 51 0.76 5.95 -4.33
CA PHE A 51 0.81 5.98 -5.78
C PHE A 51 2.03 5.23 -6.25
N ASN A 52 2.33 5.29 -7.53
CA ASN A 52 3.50 4.61 -8.06
C ASN A 52 4.58 5.61 -8.25
N SER A 53 5.77 5.26 -7.85
CA SER A 53 6.83 6.24 -7.86
C SER A 53 8.24 5.59 -7.80
N ASN A 54 9.18 6.44 -7.40
CA ASN A 54 10.60 6.23 -6.94
C ASN A 54 11.56 5.31 -7.73
N GLU A 55 11.08 4.41 -8.51
CA GLU A 55 11.97 3.43 -9.07
C GLU A 55 11.52 2.88 -10.40
N LYS A 56 12.37 2.02 -10.98
CA LYS A 56 12.11 1.41 -12.28
C LYS A 56 10.78 0.65 -12.32
N PRO A 57 10.48 -0.23 -11.32
CA PRO A 57 9.16 -0.77 -11.21
C PRO A 57 8.29 0.24 -10.46
N PRO A 58 7.22 0.77 -11.09
CA PRO A 58 6.34 1.76 -10.44
C PRO A 58 5.85 1.28 -9.07
N VAL A 59 6.46 1.79 -8.03
CA VAL A 59 6.26 1.26 -6.70
C VAL A 59 5.05 1.80 -6.05
N TRP A 60 4.27 0.93 -5.45
CA TRP A 60 3.24 1.40 -4.60
C TRP A 60 3.92 1.70 -3.32
N ASP A 61 4.21 2.93 -3.24
CA ASP A 61 4.99 3.53 -2.22
C ASP A 61 4.34 4.82 -1.91
N LEU A 62 4.80 5.42 -0.95
CA LEU A 62 4.17 6.58 -0.46
C LEU A 62 5.17 7.69 -0.19
N MET A 63 4.67 8.83 0.24
CA MET A 63 5.50 9.99 0.48
C MET A 63 5.23 10.44 1.92
N GLU A 64 4.82 9.51 2.71
CA GLU A 64 4.40 9.77 4.05
C GLU A 64 5.17 8.81 4.98
N MET A 1 -9.75 3.93 14.72
CA MET A 1 -10.88 4.22 13.83
C MET A 1 -11.27 5.65 14.03
N SER A 2 -11.32 6.39 12.94
CA SER A 2 -11.66 7.81 12.91
C SER A 2 -11.58 8.22 11.46
N ALA A 3 -10.40 8.10 10.92
CA ALA A 3 -10.16 8.36 9.52
C ALA A 3 -9.85 7.06 8.86
N GLU A 4 -9.74 7.11 7.59
CA GLU A 4 -9.53 5.97 6.77
C GLU A 4 -8.04 5.68 6.54
N THR A 5 -7.32 6.71 6.19
CA THR A 5 -5.91 6.67 5.88
C THR A 5 -5.06 6.12 7.04
N GLN A 6 -5.57 6.26 8.25
CA GLN A 6 -4.84 5.77 9.42
C GLN A 6 -4.79 4.23 9.42
N MET A 7 -5.83 3.60 8.89
CA MET A 7 -5.86 2.15 8.91
C MET A 7 -5.11 1.60 7.73
N GLU A 8 -5.10 2.39 6.70
CA GLU A 8 -4.41 2.05 5.50
C GLU A 8 -2.93 2.23 5.70
N ARG A 9 -2.56 3.28 6.40
CA ARG A 9 -1.18 3.50 6.74
C ARG A 9 -0.63 2.36 7.57
N LYS A 10 -1.36 1.90 8.58
CA LYS A 10 -0.80 0.82 9.42
C LYS A 10 -0.56 -0.46 8.61
N ILE A 11 -1.42 -0.76 7.62
CA ILE A 11 -1.22 -2.00 6.87
C ILE A 11 -0.06 -1.89 5.92
N ILE A 12 0.06 -0.75 5.26
CA ILE A 12 1.14 -0.60 4.34
C ILE A 12 2.43 -0.34 5.09
N ASP A 13 2.34 0.27 6.28
CA ASP A 13 3.53 0.62 7.07
C ASP A 13 4.23 -0.66 7.48
N PHE A 14 3.43 -1.66 7.76
CA PHE A 14 3.95 -2.97 8.07
C PHE A 14 4.66 -3.55 6.84
N LEU A 15 3.97 -3.50 5.71
CA LEU A 15 4.51 -3.93 4.44
C LEU A 15 5.76 -3.16 4.11
N ARG A 16 5.72 -1.91 4.37
CA ARG A 16 6.80 -0.97 4.10
C ARG A 16 8.04 -1.37 4.87
N GLN A 17 7.81 -1.98 6.00
CA GLN A 17 8.87 -2.48 6.85
C GLN A 17 9.32 -3.84 6.39
N ASN A 18 8.52 -4.49 5.56
CA ASN A 18 8.93 -5.73 4.91
C ASN A 18 9.65 -5.36 3.64
N GLY A 19 9.07 -4.40 2.97
CA GLY A 19 9.59 -3.87 1.77
C GLY A 19 8.47 -3.48 0.80
N LYS A 20 8.05 -2.17 0.82
CA LYS A 20 7.15 -1.60 -0.20
C LYS A 20 7.44 -2.14 -1.60
N SER A 21 6.39 -2.38 -2.36
CA SER A 21 6.53 -3.13 -3.60
C SER A 21 5.19 -3.16 -4.32
N ILE A 22 5.01 -4.07 -5.23
CA ILE A 22 3.80 -4.18 -6.00
C ILE A 22 2.67 -4.84 -5.19
N ALA A 23 1.48 -4.79 -5.74
CA ALA A 23 0.26 -5.33 -5.13
C ALA A 23 0.35 -6.82 -4.79
N LEU A 24 1.20 -7.53 -5.52
CA LEU A 24 1.31 -8.96 -5.35
C LEU A 24 2.08 -9.22 -4.05
N THR A 25 3.07 -8.40 -3.82
CA THR A 25 3.90 -8.53 -2.67
C THR A 25 3.12 -8.24 -1.42
N ILE A 26 2.37 -7.12 -1.42
CA ILE A 26 1.60 -6.71 -0.26
C ILE A 26 0.77 -7.86 0.29
N ALA A 27 0.12 -8.58 -0.62
CA ALA A 27 -0.70 -9.72 -0.26
C ALA A 27 0.13 -10.78 0.47
N LYS A 28 1.34 -11.02 -0.02
CA LYS A 28 2.19 -12.00 0.54
C LYS A 28 2.77 -11.57 1.87
N GLU A 29 2.90 -10.28 2.07
CA GLU A 29 3.50 -9.78 3.29
C GLU A 29 2.49 -9.76 4.40
N ILE A 30 1.29 -9.40 4.06
CA ILE A 30 0.24 -9.29 5.08
C ILE A 30 -0.51 -10.59 5.25
N GLY A 31 -0.32 -11.50 4.29
CA GLY A 31 -0.96 -12.79 4.33
C GLY A 31 -2.43 -12.72 4.03
N LEU A 32 -2.82 -11.71 3.28
CA LEU A 32 -4.22 -11.49 3.00
C LEU A 32 -4.48 -11.60 1.51
N ASP A 33 -5.74 -11.52 1.16
CA ASP A 33 -6.19 -11.58 -0.22
C ASP A 33 -5.66 -10.39 -1.06
N LYS A 34 -5.35 -10.70 -2.30
CA LYS A 34 -4.80 -9.76 -3.27
C LYS A 34 -5.82 -8.68 -3.65
N SER A 35 -7.09 -9.00 -3.55
CA SER A 35 -8.15 -8.12 -4.02
C SER A 35 -8.38 -7.08 -2.95
N THR A 36 -8.16 -7.51 -1.75
CA THR A 36 -8.12 -6.73 -0.62
C THR A 36 -7.01 -5.68 -0.79
N VAL A 37 -5.80 -6.12 -1.13
CA VAL A 37 -4.69 -5.23 -1.40
C VAL A 37 -5.07 -4.21 -2.48
N ASN A 38 -5.69 -4.71 -3.56
CA ASN A 38 -6.15 -3.88 -4.68
C ASN A 38 -7.04 -2.77 -4.17
N ARG A 39 -8.00 -3.15 -3.39
CA ARG A 39 -8.98 -2.27 -2.81
C ARG A 39 -8.30 -1.14 -2.04
N HIS A 40 -7.42 -1.54 -1.18
CA HIS A 40 -6.75 -0.65 -0.27
C HIS A 40 -5.80 0.29 -1.00
N LEU A 41 -5.19 -0.20 -2.04
CA LEU A 41 -4.29 0.62 -2.79
C LEU A 41 -5.04 1.58 -3.65
N TYR A 42 -6.21 1.19 -4.10
CA TYR A 42 -7.02 1.98 -4.93
C TYR A 42 -7.48 3.23 -4.24
N ASN A 43 -7.82 3.09 -3.01
CA ASN A 43 -8.31 4.24 -2.24
C ASN A 43 -7.18 5.17 -1.90
N LEU A 44 -6.03 4.61 -1.53
CA LEU A 44 -4.86 5.42 -1.24
C LEU A 44 -4.35 6.06 -2.50
N GLN A 45 -4.56 5.40 -3.60
CA GLN A 45 -4.26 5.91 -4.86
C GLN A 45 -5.08 7.13 -5.19
N ARG A 46 -6.29 7.18 -4.68
CA ARG A 46 -7.16 8.32 -4.91
C ARG A 46 -6.69 9.51 -4.10
N SER A 47 -6.12 9.22 -2.97
CA SER A 47 -5.67 10.22 -2.06
C SER A 47 -4.16 10.50 -2.18
N ASN A 48 -3.48 9.85 -3.15
CA ASN A 48 -2.04 10.03 -3.36
C ASN A 48 -1.23 9.60 -2.14
N GLN A 49 -1.73 8.59 -1.45
CA GLN A 49 -1.03 8.07 -0.30
C GLN A 49 -0.32 6.83 -0.80
N VAL A 50 -0.80 6.32 -1.90
CA VAL A 50 -0.18 5.24 -2.54
C VAL A 50 -0.42 5.40 -4.03
N PHE A 51 0.58 5.19 -4.72
CA PHE A 51 0.64 5.16 -6.17
C PHE A 51 1.95 4.51 -6.52
N ASN A 52 2.38 4.53 -7.75
CA ASN A 52 3.73 4.04 -8.03
C ASN A 52 4.65 5.17 -7.99
N SER A 53 5.75 4.95 -7.41
CA SER A 53 6.56 6.00 -7.07
C SER A 53 8.04 5.77 -7.36
N ASN A 54 8.75 6.82 -7.04
CA ASN A 54 10.23 7.04 -6.94
C ASN A 54 11.08 6.74 -8.19
N GLU A 55 10.59 5.94 -9.10
CA GLU A 55 11.46 5.48 -10.16
C GLU A 55 10.67 4.86 -11.31
N LYS A 56 11.32 4.04 -12.09
CA LYS A 56 10.69 3.33 -13.16
C LYS A 56 10.12 2.00 -12.74
N PRO A 57 10.82 1.18 -11.91
CA PRO A 57 10.17 0.07 -11.24
C PRO A 57 9.10 0.67 -10.32
N PRO A 58 7.82 0.42 -10.61
CA PRO A 58 6.74 1.05 -9.89
C PRO A 58 6.67 0.66 -8.43
N VAL A 59 7.06 1.55 -7.51
CA VAL A 59 6.93 1.19 -6.13
C VAL A 59 5.58 1.58 -5.63
N TRP A 60 4.80 0.61 -5.27
CA TRP A 60 3.52 0.87 -4.74
C TRP A 60 3.69 1.07 -3.29
N ASP A 61 3.75 2.34 -2.99
CA ASP A 61 3.94 2.90 -1.70
C ASP A 61 4.06 4.38 -1.98
N LEU A 62 4.62 5.07 -1.08
CA LEU A 62 4.81 6.47 -1.17
C LEU A 62 6.23 6.78 -0.73
N MET A 63 6.50 7.98 -0.28
CA MET A 63 7.82 8.38 0.00
C MET A 63 7.88 8.41 1.48
N GLU A 64 7.46 7.26 2.05
CA GLU A 64 7.45 6.97 3.47
C GLU A 64 6.24 7.53 4.21
N MET A 1 -15.23 9.53 7.94
CA MET A 1 -14.03 10.34 8.18
C MET A 1 -13.67 10.26 9.64
N SER A 2 -12.78 9.38 9.95
CA SER A 2 -12.30 9.19 11.29
C SER A 2 -10.92 8.55 11.21
N ALA A 3 -10.85 7.32 10.71
CA ALA A 3 -9.59 6.60 10.61
C ALA A 3 -9.70 5.48 9.61
N GLU A 4 -10.38 5.78 8.54
CA GLU A 4 -10.57 4.89 7.42
C GLU A 4 -9.20 4.48 6.85
N THR A 5 -8.49 5.47 6.31
CA THR A 5 -7.20 5.27 5.63
C THR A 5 -6.08 4.88 6.61
N GLN A 6 -6.41 4.83 7.90
CA GLN A 6 -5.44 4.46 8.89
C GLN A 6 -5.19 2.97 8.76
N MET A 7 -6.20 2.26 8.28
CA MET A 7 -6.16 0.82 8.18
C MET A 7 -5.10 0.38 7.22
N GLU A 8 -5.14 0.92 6.03
CA GLU A 8 -4.19 0.61 5.02
C GLU A 8 -2.82 1.11 5.42
N ARG A 9 -2.78 2.24 6.08
CA ARG A 9 -1.51 2.79 6.52
C ARG A 9 -0.83 1.87 7.52
N LYS A 10 -1.59 1.30 8.42
CA LYS A 10 -1.04 0.38 9.40
C LYS A 10 -0.49 -0.90 8.75
N ILE A 11 -1.18 -1.42 7.73
CA ILE A 11 -0.74 -2.64 7.13
C ILE A 11 0.45 -2.41 6.23
N ILE A 12 0.41 -1.33 5.45
CA ILE A 12 1.49 -1.08 4.56
C ILE A 12 2.69 -0.62 5.33
N ASP A 13 2.49 -0.01 6.50
CA ASP A 13 3.61 0.47 7.27
C ASP A 13 4.39 -0.69 7.85
N PHE A 14 3.66 -1.76 8.15
CA PHE A 14 4.26 -3.01 8.55
C PHE A 14 5.24 -3.49 7.46
N LEU A 15 4.75 -3.62 6.23
CA LEU A 15 5.64 -4.07 5.16
C LEU A 15 6.49 -2.95 4.65
N ARG A 16 6.27 -1.78 5.13
CA ARG A 16 7.06 -0.60 4.76
C ARG A 16 8.36 -0.72 5.43
N GLN A 17 8.25 -1.34 6.52
CA GLN A 17 9.32 -1.60 7.40
C GLN A 17 10.10 -2.79 6.88
N ASN A 18 9.39 -3.73 6.32
CA ASN A 18 10.04 -4.91 5.74
C ASN A 18 10.59 -4.56 4.36
N GLY A 19 9.87 -3.70 3.68
CA GLY A 19 10.24 -3.26 2.36
C GLY A 19 9.03 -3.01 1.45
N LYS A 20 8.46 -1.76 1.54
CA LYS A 20 7.38 -1.28 0.69
C LYS A 20 7.63 -1.68 -0.79
N SER A 21 6.57 -2.07 -1.50
CA SER A 21 6.80 -2.86 -2.72
C SER A 21 5.50 -3.04 -3.51
N ILE A 22 5.45 -4.05 -4.33
CA ILE A 22 4.31 -4.31 -5.18
C ILE A 22 3.12 -4.84 -4.40
N ALA A 23 1.94 -4.71 -5.01
CA ALA A 23 0.68 -5.17 -4.42
C ALA A 23 0.70 -6.66 -4.08
N LEU A 24 1.52 -7.41 -4.81
CA LEU A 24 1.65 -8.84 -4.60
C LEU A 24 2.34 -9.08 -3.26
N THR A 25 3.31 -8.22 -2.94
CA THR A 25 4.01 -8.33 -1.69
C THR A 25 3.07 -8.03 -0.55
N ILE A 26 2.39 -6.87 -0.64
CA ILE A 26 1.43 -6.43 0.39
C ILE A 26 0.47 -7.56 0.72
N ALA A 27 0.00 -8.23 -0.32
CA ALA A 27 -0.90 -9.34 -0.22
C ALA A 27 -0.32 -10.46 0.63
N LYS A 28 0.95 -10.72 0.50
CA LYS A 28 1.54 -11.81 1.25
C LYS A 28 1.96 -11.37 2.63
N GLU A 29 2.34 -10.11 2.76
CA GLU A 29 2.70 -9.50 4.05
C GLU A 29 1.51 -9.56 5.01
N ILE A 30 0.34 -9.25 4.49
CA ILE A 30 -0.88 -9.27 5.30
C ILE A 30 -1.56 -10.63 5.22
N GLY A 31 -0.97 -11.52 4.42
CA GLY A 31 -1.49 -12.87 4.27
C GLY A 31 -2.68 -12.99 3.32
N LEU A 32 -3.24 -11.87 2.91
CA LEU A 32 -4.50 -11.85 2.18
C LEU A 32 -4.26 -11.91 0.65
N ASP A 33 -5.25 -11.52 -0.12
CA ASP A 33 -5.15 -11.58 -1.58
C ASP A 33 -4.79 -10.23 -2.15
N LYS A 34 -4.20 -10.24 -3.33
CA LYS A 34 -3.84 -9.05 -4.07
C LYS A 34 -5.08 -8.20 -4.41
N SER A 35 -6.24 -8.85 -4.52
CA SER A 35 -7.47 -8.15 -4.83
C SER A 35 -7.81 -7.14 -3.74
N THR A 36 -7.69 -7.56 -2.47
CA THR A 36 -8.02 -6.65 -1.41
C THR A 36 -6.97 -5.53 -1.33
N VAL A 37 -5.71 -5.86 -1.58
CA VAL A 37 -4.65 -4.89 -1.60
C VAL A 37 -4.91 -3.82 -2.65
N ASN A 38 -5.13 -4.25 -3.89
CA ASN A 38 -5.34 -3.34 -5.00
C ASN A 38 -6.46 -2.37 -4.74
N ARG A 39 -7.59 -2.86 -4.25
CA ARG A 39 -8.75 -2.00 -4.04
C ARG A 39 -8.44 -0.95 -2.96
N HIS A 40 -7.74 -1.38 -1.92
CA HIS A 40 -7.43 -0.51 -0.80
C HIS A 40 -6.43 0.55 -1.19
N LEU A 41 -5.48 0.19 -2.02
CA LEU A 41 -4.45 1.10 -2.39
C LEU A 41 -4.96 2.07 -3.41
N TYR A 42 -5.92 1.66 -4.21
CA TYR A 42 -6.54 2.49 -5.14
C TYR A 42 -7.21 3.65 -4.43
N ASN A 43 -7.80 3.34 -3.30
CA ASN A 43 -8.43 4.35 -2.43
C ASN A 43 -7.39 5.38 -2.03
N LEU A 44 -6.28 4.87 -1.56
CA LEU A 44 -5.17 5.67 -1.07
C LEU A 44 -4.50 6.44 -2.21
N GLN A 45 -4.51 5.85 -3.40
CA GLN A 45 -3.87 6.39 -4.58
C GLN A 45 -4.43 7.72 -4.93
N ARG A 46 -5.72 7.76 -4.93
CA ARG A 46 -6.46 8.95 -5.31
C ARG A 46 -6.38 10.02 -4.24
N SER A 47 -6.02 9.59 -3.08
CA SER A 47 -5.85 10.45 -1.96
C SER A 47 -4.36 10.84 -1.76
N ASN A 48 -3.47 10.35 -2.67
CA ASN A 48 -2.02 10.62 -2.57
C ASN A 48 -1.43 10.09 -1.28
N GLN A 49 -2.02 9.03 -0.77
CA GLN A 49 -1.61 8.43 0.47
C GLN A 49 -0.66 7.30 0.07
N VAL A 50 -0.96 6.74 -1.08
CA VAL A 50 -0.14 5.73 -1.66
C VAL A 50 -0.21 6.00 -3.16
N PHE A 51 0.75 5.55 -3.88
CA PHE A 51 0.79 5.63 -5.32
C PHE A 51 1.87 4.71 -5.85
N ASN A 52 2.33 4.96 -7.05
CA ASN A 52 3.44 4.24 -7.60
C ASN A 52 4.56 5.23 -7.73
N SER A 53 5.79 4.79 -7.56
CA SER A 53 6.88 5.73 -7.47
C SER A 53 8.23 5.09 -7.87
N ASN A 54 9.23 5.95 -8.10
CA ASN A 54 10.67 5.61 -8.28
C ASN A 54 11.10 5.06 -9.65
N GLU A 55 10.18 4.53 -10.45
CA GLU A 55 10.64 3.85 -11.68
C GLU A 55 9.51 3.56 -12.69
N LYS A 56 9.85 2.75 -13.71
CA LYS A 56 8.89 2.37 -14.75
C LYS A 56 7.87 1.33 -14.28
N PRO A 57 8.28 0.25 -13.55
CA PRO A 57 7.35 -0.59 -12.82
C PRO A 57 7.35 -0.06 -11.39
N PRO A 58 6.60 1.02 -11.13
CA PRO A 58 6.80 1.80 -9.96
C PRO A 58 6.19 1.21 -8.70
N VAL A 59 6.93 1.43 -7.62
CA VAL A 59 6.66 0.89 -6.30
C VAL A 59 5.31 1.28 -5.81
N TRP A 60 4.61 0.33 -5.25
CA TRP A 60 3.36 0.63 -4.68
C TRP A 60 3.71 1.01 -3.27
N ASP A 61 3.83 2.30 -3.14
CA ASP A 61 4.40 2.97 -2.02
C ASP A 61 4.50 4.46 -2.39
N LEU A 62 5.11 5.21 -1.56
CA LEU A 62 5.32 6.59 -1.81
C LEU A 62 6.78 6.90 -1.47
N MET A 63 7.49 7.45 -2.42
CA MET A 63 8.90 7.71 -2.23
C MET A 63 9.27 9.06 -2.85
N GLU A 64 8.27 9.75 -3.33
CA GLU A 64 8.43 11.01 -3.98
C GLU A 64 7.12 11.72 -3.72
N MET A 1 -3.41 6.41 15.57
CA MET A 1 -4.40 7.49 15.70
C MET A 1 -5.72 6.97 15.14
N SER A 2 -6.77 7.70 15.34
CA SER A 2 -8.06 7.30 14.84
C SER A 2 -8.36 8.06 13.56
N ALA A 3 -8.31 7.35 12.45
CA ALA A 3 -8.57 7.87 11.14
C ALA A 3 -8.95 6.72 10.26
N GLU A 4 -9.49 7.01 9.11
CA GLU A 4 -9.97 5.99 8.20
C GLU A 4 -8.81 5.29 7.46
N THR A 5 -7.99 6.08 6.75
CA THR A 5 -6.87 5.59 5.93
C THR A 5 -5.71 5.08 6.79
N GLN A 6 -5.92 5.15 8.09
CA GLN A 6 -4.99 4.69 9.07
C GLN A 6 -4.83 3.18 8.96
N MET A 7 -5.87 2.51 8.49
CA MET A 7 -5.83 1.06 8.38
C MET A 7 -4.94 0.67 7.22
N GLU A 8 -5.23 1.26 6.09
CA GLU A 8 -4.52 1.05 4.85
C GLU A 8 -3.05 1.35 5.01
N ARG A 9 -2.75 2.39 5.71
CA ARG A 9 -1.37 2.78 5.88
C ARG A 9 -0.65 1.78 6.74
N LYS A 10 -1.29 1.33 7.82
CA LYS A 10 -0.63 0.42 8.79
C LYS A 10 -0.22 -0.90 8.14
N ILE A 11 -1.05 -1.40 7.25
CA ILE A 11 -0.75 -2.68 6.65
C ILE A 11 0.33 -2.55 5.62
N ILE A 12 0.29 -1.48 4.87
CA ILE A 12 1.29 -1.31 3.90
C ILE A 12 2.58 -0.84 4.56
N ASP A 13 2.48 -0.18 5.74
CA ASP A 13 3.61 0.26 6.49
C ASP A 13 4.45 -0.90 6.89
N PHE A 14 3.79 -1.98 7.25
CA PHE A 14 4.44 -3.22 7.52
C PHE A 14 5.25 -3.64 6.29
N LEU A 15 4.57 -3.71 5.15
CA LEU A 15 5.20 -4.04 3.90
C LEU A 15 6.27 -3.05 3.52
N ARG A 16 6.04 -1.82 3.82
CA ARG A 16 6.93 -0.71 3.59
C ARG A 16 8.27 -0.94 4.27
N GLN A 17 8.18 -1.41 5.49
CA GLN A 17 9.34 -1.74 6.30
C GLN A 17 10.08 -2.95 5.75
N ASN A 18 9.37 -3.86 5.10
CA ASN A 18 10.04 -5.02 4.49
C ASN A 18 10.55 -4.63 3.12
N GLY A 19 9.81 -3.76 2.51
CA GLY A 19 10.16 -3.23 1.25
C GLY A 19 8.93 -2.86 0.44
N LYS A 20 8.55 -1.55 0.48
CA LYS A 20 7.53 -0.96 -0.37
C LYS A 20 7.57 -1.55 -1.80
N SER A 21 6.44 -2.02 -2.30
CA SER A 21 6.45 -2.85 -3.51
C SER A 21 5.07 -2.89 -4.13
N ILE A 22 4.88 -3.79 -5.10
CA ILE A 22 3.63 -3.89 -5.83
C ILE A 22 2.56 -4.62 -5.01
N ALA A 23 1.33 -4.59 -5.54
CA ALA A 23 0.16 -5.21 -4.91
C ALA A 23 0.35 -6.70 -4.60
N LEU A 24 1.11 -7.38 -5.44
CA LEU A 24 1.34 -8.81 -5.29
C LEU A 24 2.18 -9.05 -4.04
N THR A 25 3.06 -8.12 -3.75
CA THR A 25 3.90 -8.24 -2.61
C THR A 25 3.12 -7.95 -1.36
N ILE A 26 2.36 -6.85 -1.37
CA ILE A 26 1.54 -6.47 -0.22
C ILE A 26 0.71 -7.65 0.25
N ALA A 27 0.12 -8.35 -0.72
CA ALA A 27 -0.70 -9.52 -0.47
C ALA A 27 0.04 -10.58 0.34
N LYS A 28 1.29 -10.87 -0.01
CA LYS A 28 2.01 -11.90 0.71
C LYS A 28 2.46 -11.41 2.06
N GLU A 29 2.87 -10.18 2.10
CA GLU A 29 3.35 -9.55 3.34
C GLU A 29 2.27 -9.52 4.40
N ILE A 30 1.09 -9.07 4.02
CA ILE A 30 0.01 -8.94 4.99
C ILE A 30 -0.77 -10.24 5.13
N GLY A 31 -0.53 -11.16 4.22
CA GLY A 31 -1.19 -12.45 4.24
C GLY A 31 -2.64 -12.35 3.85
N LEU A 32 -2.98 -11.32 3.10
CA LEU A 32 -4.35 -11.11 2.73
C LEU A 32 -4.49 -11.27 1.22
N ASP A 33 -5.72 -11.30 0.76
CA ASP A 33 -6.00 -11.53 -0.64
C ASP A 33 -5.74 -10.28 -1.49
N LYS A 34 -5.73 -10.46 -2.76
CA LYS A 34 -5.61 -9.42 -3.76
C LYS A 34 -6.79 -8.43 -3.65
N SER A 35 -7.96 -8.92 -3.19
CA SER A 35 -9.14 -8.10 -3.08
C SER A 35 -8.94 -7.07 -1.99
N THR A 36 -8.28 -7.49 -0.94
CA THR A 36 -7.96 -6.62 0.12
C THR A 36 -6.91 -5.59 -0.32
N VAL A 37 -5.78 -6.04 -0.82
CA VAL A 37 -4.71 -5.15 -1.22
C VAL A 37 -5.20 -4.10 -2.22
N ASN A 38 -5.89 -4.54 -3.26
CA ASN A 38 -6.39 -3.64 -4.28
C ASN A 38 -7.32 -2.60 -3.72
N ARG A 39 -8.24 -3.01 -2.87
CA ARG A 39 -9.24 -2.06 -2.35
C ARG A 39 -8.54 -0.97 -1.53
N HIS A 40 -7.53 -1.38 -0.79
CA HIS A 40 -6.82 -0.48 0.07
C HIS A 40 -5.95 0.50 -0.73
N LEU A 41 -5.31 -0.01 -1.78
CA LEU A 41 -4.40 0.82 -2.55
C LEU A 41 -5.16 1.74 -3.46
N TYR A 42 -6.31 1.33 -3.89
CA TYR A 42 -7.13 2.11 -4.69
C TYR A 42 -7.61 3.33 -3.97
N ASN A 43 -7.96 3.15 -2.75
CA ASN A 43 -8.44 4.26 -1.93
C ASN A 43 -7.32 5.25 -1.68
N LEU A 44 -6.15 4.72 -1.40
CA LEU A 44 -5.01 5.57 -1.15
C LEU A 44 -4.49 6.21 -2.44
N GLN A 45 -4.73 5.57 -3.58
CA GLN A 45 -4.23 6.06 -4.84
C GLN A 45 -4.96 7.32 -5.22
N ARG A 46 -6.23 7.33 -4.92
CA ARG A 46 -7.09 8.45 -5.26
C ARG A 46 -6.94 9.54 -4.23
N SER A 47 -6.35 9.18 -3.12
CA SER A 47 -6.10 10.10 -2.06
C SER A 47 -4.66 10.62 -2.14
N ASN A 48 -3.87 10.12 -3.13
CA ASN A 48 -2.46 10.52 -3.33
C ASN A 48 -1.63 10.12 -2.10
N GLN A 49 -2.08 9.05 -1.46
CA GLN A 49 -1.46 8.58 -0.24
C GLN A 49 -0.65 7.34 -0.63
N VAL A 50 -1.06 6.71 -1.69
CA VAL A 50 -0.31 5.64 -2.22
C VAL A 50 -0.46 5.74 -3.70
N PHE A 51 0.57 5.48 -4.37
CA PHE A 51 0.57 5.39 -5.82
C PHE A 51 1.83 4.75 -6.28
N ASN A 52 1.94 4.52 -7.57
CA ASN A 52 3.15 4.02 -8.16
C ASN A 52 4.01 5.13 -8.57
N SER A 53 5.23 5.10 -8.13
CA SER A 53 6.04 6.24 -8.29
C SER A 53 7.54 5.95 -8.34
N ASN A 54 8.17 6.94 -8.94
CA ASN A 54 9.59 7.39 -8.94
C ASN A 54 10.75 6.38 -9.03
N GLU A 55 10.58 5.17 -8.73
CA GLU A 55 11.73 4.31 -8.70
C GLU A 55 11.76 3.29 -9.80
N LYS A 56 12.77 2.44 -9.79
CA LYS A 56 12.91 1.43 -10.80
C LYS A 56 11.86 0.35 -10.68
N PRO A 57 11.67 -0.26 -9.50
CA PRO A 57 10.48 -1.03 -9.29
C PRO A 57 9.38 -0.02 -8.97
N PRO A 58 8.30 0.05 -9.78
CA PRO A 58 7.20 0.99 -9.54
C PRO A 58 6.68 0.81 -8.12
N VAL A 59 6.94 1.78 -7.26
CA VAL A 59 6.63 1.59 -5.88
C VAL A 59 5.17 1.71 -5.64
N TRP A 60 4.63 0.85 -4.85
CA TRP A 60 3.34 1.07 -4.35
C TRP A 60 3.54 1.29 -2.90
N ASP A 61 3.58 2.57 -2.62
CA ASP A 61 3.83 3.17 -1.32
C ASP A 61 3.94 4.67 -1.60
N LEU A 62 4.17 5.40 -0.58
CA LEU A 62 4.46 6.79 -0.61
C LEU A 62 5.60 6.95 0.36
N MET A 63 6.59 7.69 -0.01
CA MET A 63 7.75 7.76 0.81
C MET A 63 7.66 8.83 1.78
N GLU A 64 8.20 8.54 2.86
CA GLU A 64 8.04 9.25 4.02
C GLU A 64 9.15 8.75 4.94
N MET A 1 -3.53 13.23 14.07
CA MET A 1 -2.53 12.21 14.39
C MET A 1 -2.96 10.92 13.77
N SER A 2 -3.92 10.28 14.37
CA SER A 2 -4.52 9.10 13.83
C SER A 2 -5.43 9.52 12.68
N ALA A 3 -5.66 8.61 11.76
CA ALA A 3 -6.52 8.87 10.62
C ALA A 3 -7.40 7.68 10.38
N GLU A 4 -8.27 7.83 9.45
CA GLU A 4 -9.26 6.86 9.14
C GLU A 4 -8.80 5.87 8.07
N THR A 5 -8.17 6.38 7.03
CA THR A 5 -7.62 5.55 5.97
C THR A 5 -6.23 5.00 6.41
N GLN A 6 -5.95 5.16 7.70
CA GLN A 6 -4.72 4.69 8.31
C GLN A 6 -4.74 3.16 8.38
N MET A 7 -5.88 2.56 8.11
CA MET A 7 -5.99 1.12 8.07
C MET A 7 -5.24 0.61 6.85
N GLU A 8 -5.51 1.25 5.74
CA GLU A 8 -4.86 0.99 4.49
C GLU A 8 -3.38 1.32 4.61
N ARG A 9 -3.11 2.39 5.30
CA ARG A 9 -1.75 2.86 5.48
C ARG A 9 -0.97 1.89 6.34
N LYS A 10 -1.59 1.37 7.39
CA LYS A 10 -0.88 0.51 8.34
C LYS A 10 -0.53 -0.84 7.72
N ILE A 11 -1.33 -1.31 6.76
CA ILE A 11 -1.01 -2.57 6.14
C ILE A 11 0.13 -2.42 5.17
N ILE A 12 0.13 -1.32 4.45
CA ILE A 12 1.19 -1.10 3.53
C ILE A 12 2.41 -0.66 4.31
N ASP A 13 2.18 -0.05 5.48
CA ASP A 13 3.25 0.47 6.36
C ASP A 13 4.14 -0.67 6.75
N PHE A 14 3.51 -1.73 7.22
CA PHE A 14 4.19 -2.95 7.54
C PHE A 14 5.00 -3.45 6.34
N LEU A 15 4.36 -3.55 5.20
CA LEU A 15 4.99 -3.96 4.00
C LEU A 15 6.10 -2.99 3.58
N ARG A 16 5.89 -1.74 3.83
CA ARG A 16 6.81 -0.67 3.56
C ARG A 16 8.10 -0.87 4.32
N GLN A 17 7.95 -1.33 5.55
CA GLN A 17 9.07 -1.66 6.42
C GLN A 17 9.86 -2.83 5.86
N ASN A 18 9.16 -3.80 5.29
CA ASN A 18 9.83 -5.00 4.75
C ASN A 18 10.35 -4.72 3.36
N GLY A 19 9.66 -3.85 2.70
CA GLY A 19 10.03 -3.47 1.38
C GLY A 19 8.84 -3.24 0.48
N LYS A 20 8.33 -1.99 0.46
CA LYS A 20 7.31 -1.52 -0.48
C LYS A 20 7.46 -2.09 -1.90
N SER A 21 6.34 -2.26 -2.59
CA SER A 21 6.36 -3.02 -3.83
C SER A 21 4.97 -3.02 -4.42
N ILE A 22 4.71 -3.92 -5.33
CA ILE A 22 3.44 -4.02 -5.99
C ILE A 22 2.39 -4.65 -5.07
N ALA A 23 1.14 -4.54 -5.47
CA ALA A 23 -0.02 -5.04 -4.72
C ALA A 23 0.06 -6.53 -4.42
N LEU A 24 0.80 -7.25 -5.25
CA LEU A 24 0.91 -8.68 -5.13
C LEU A 24 1.81 -9.00 -3.94
N THR A 25 2.78 -8.12 -3.72
CA THR A 25 3.69 -8.31 -2.63
C THR A 25 3.00 -8.04 -1.33
N ILE A 26 2.32 -6.90 -1.24
CA ILE A 26 1.61 -6.48 -0.02
C ILE A 26 0.79 -7.63 0.53
N ALA A 27 0.07 -8.28 -0.37
CA ALA A 27 -0.79 -9.41 -0.06
C ALA A 27 -0.01 -10.54 0.61
N LYS A 28 1.19 -10.83 0.10
CA LYS A 28 1.98 -11.92 0.64
C LYS A 28 2.50 -11.58 2.02
N GLU A 29 2.95 -10.34 2.18
CA GLU A 29 3.62 -9.91 3.40
C GLU A 29 2.63 -9.87 4.55
N ILE A 30 1.40 -9.47 4.24
CA ILE A 30 0.37 -9.42 5.27
C ILE A 30 -0.37 -10.74 5.38
N GLY A 31 -0.11 -11.63 4.43
CA GLY A 31 -0.73 -12.93 4.40
C GLY A 31 -2.20 -12.87 4.07
N LEU A 32 -2.60 -11.84 3.35
CA LEU A 32 -4.00 -11.65 3.05
C LEU A 32 -4.25 -11.72 1.56
N ASP A 33 -5.50 -11.60 1.19
CA ASP A 33 -5.93 -11.58 -0.19
C ASP A 33 -5.47 -10.30 -0.91
N LYS A 34 -5.16 -10.44 -2.19
CA LYS A 34 -4.66 -9.35 -3.00
C LYS A 34 -5.75 -8.31 -3.28
N SER A 35 -7.00 -8.74 -3.23
CA SER A 35 -8.11 -7.90 -3.63
C SER A 35 -8.42 -6.96 -2.51
N THR A 36 -8.15 -7.46 -1.34
CA THR A 36 -8.16 -6.76 -0.17
C THR A 36 -7.12 -5.62 -0.28
N VAL A 37 -5.91 -5.95 -0.68
CA VAL A 37 -4.88 -4.97 -0.89
C VAL A 37 -5.33 -3.97 -1.96
N ASN A 38 -5.88 -4.50 -3.06
CA ASN A 38 -6.37 -3.71 -4.18
C ASN A 38 -7.33 -2.64 -3.72
N ARG A 39 -8.32 -3.04 -2.99
CA ARG A 39 -9.38 -2.10 -2.56
C ARG A 39 -8.80 -1.04 -1.63
N HIS A 40 -7.89 -1.46 -0.78
CA HIS A 40 -7.31 -0.59 0.20
C HIS A 40 -6.32 0.39 -0.44
N LEU A 41 -5.61 -0.08 -1.44
CA LEU A 41 -4.67 0.78 -2.13
C LEU A 41 -5.40 1.77 -2.93
N TYR A 42 -6.56 1.39 -3.44
CA TYR A 42 -7.37 2.25 -4.15
C TYR A 42 -7.76 3.43 -3.35
N ASN A 43 -8.07 3.21 -2.11
CA ASN A 43 -8.45 4.30 -1.20
C ASN A 43 -7.32 5.29 -1.09
N LEU A 44 -6.13 4.77 -0.88
CA LEU A 44 -4.94 5.58 -0.75
C LEU A 44 -4.57 6.23 -2.08
N GLN A 45 -4.92 5.56 -3.16
CA GLN A 45 -4.57 5.99 -4.51
C GLN A 45 -5.21 7.33 -4.82
N ARG A 46 -6.51 7.44 -4.54
CA ARG A 46 -7.23 8.69 -4.74
C ARG A 46 -6.62 9.83 -3.95
N SER A 47 -6.19 9.50 -2.77
CA SER A 47 -5.61 10.45 -1.86
C SER A 47 -4.12 10.72 -2.18
N ASN A 48 -3.55 10.00 -3.20
CA ASN A 48 -2.15 10.13 -3.61
C ASN A 48 -1.24 9.68 -2.46
N GLN A 49 -1.80 8.86 -1.60
CA GLN A 49 -1.09 8.38 -0.45
C GLN A 49 -0.40 7.13 -0.92
N VAL A 50 -1.02 6.50 -1.86
CA VAL A 50 -0.41 5.45 -2.56
C VAL A 50 -0.59 5.79 -4.01
N PHE A 51 0.42 5.61 -4.68
CA PHE A 51 0.60 5.89 -6.05
C PHE A 51 1.84 5.13 -6.47
N ASN A 52 2.39 5.44 -7.60
CA ASN A 52 3.66 4.86 -7.96
C ASN A 52 4.69 5.88 -7.79
N SER A 53 5.84 5.49 -7.38
CA SER A 53 6.82 6.44 -7.11
C SER A 53 8.19 6.05 -7.62
N ASN A 54 8.70 7.00 -8.38
CA ASN A 54 10.11 7.33 -8.81
C ASN A 54 11.18 6.22 -9.01
N GLU A 55 11.02 5.08 -8.44
CA GLU A 55 12.06 4.10 -8.50
C GLU A 55 12.00 3.30 -9.77
N LYS A 56 12.88 2.36 -9.93
CA LYS A 56 12.93 1.61 -11.15
C LYS A 56 11.80 0.59 -11.27
N PRO A 57 11.51 -0.18 -10.21
CA PRO A 57 10.27 -0.90 -10.17
C PRO A 57 9.22 0.07 -9.62
N PRO A 58 8.20 0.45 -10.43
CA PRO A 58 7.17 1.42 -10.00
C PRO A 58 6.58 1.02 -8.66
N VAL A 59 6.96 1.73 -7.62
CA VAL A 59 6.58 1.32 -6.30
C VAL A 59 5.16 1.64 -5.99
N TRP A 60 4.49 0.73 -5.38
CA TRP A 60 3.23 0.99 -4.84
C TRP A 60 3.48 1.21 -3.38
N ASP A 61 3.53 2.49 -3.08
CA ASP A 61 3.77 3.07 -1.78
C ASP A 61 3.90 4.56 -2.08
N LEU A 62 4.40 5.28 -1.17
CA LEU A 62 4.70 6.64 -1.29
C LEU A 62 6.12 6.77 -0.71
N MET A 63 6.54 7.93 -0.32
CA MET A 63 7.83 8.07 0.28
C MET A 63 7.67 8.85 1.52
N GLU A 64 7.44 8.16 2.58
CA GLU A 64 7.16 8.76 3.83
C GLU A 64 7.30 7.64 4.89
N MET A 1 -9.50 5.19 13.76
CA MET A 1 -10.17 5.80 14.91
C MET A 1 -10.31 7.33 14.70
N SER A 2 -10.00 7.78 13.48
CA SER A 2 -10.00 9.17 13.06
C SER A 2 -9.35 9.21 11.70
N ALA A 3 -10.18 9.14 10.65
CA ALA A 3 -9.73 8.98 9.26
C ALA A 3 -9.06 7.62 9.13
N GLU A 4 -9.84 6.67 8.70
CA GLU A 4 -9.46 5.27 8.71
C GLU A 4 -8.38 4.87 7.71
N THR A 5 -7.76 5.87 7.11
CA THR A 5 -6.60 5.73 6.25
C THR A 5 -5.42 5.15 7.12
N GLN A 6 -5.62 5.25 8.43
CA GLN A 6 -4.73 4.70 9.43
C GLN A 6 -4.57 3.18 9.22
N MET A 7 -5.60 2.55 8.66
CA MET A 7 -5.61 1.12 8.42
C MET A 7 -4.59 0.73 7.39
N GLU A 8 -4.70 1.37 6.28
CA GLU A 8 -3.84 1.13 5.12
C GLU A 8 -2.41 1.48 5.46
N ARG A 9 -2.24 2.53 6.16
CA ARG A 9 -0.92 3.08 6.40
C ARG A 9 -0.13 2.13 7.30
N LYS A 10 -0.79 1.54 8.28
CA LYS A 10 -0.08 0.64 9.17
C LYS A 10 0.24 -0.69 8.51
N ILE A 11 -0.63 -1.15 7.63
CA ILE A 11 -0.38 -2.41 7.00
C ILE A 11 0.65 -2.31 5.94
N ILE A 12 0.64 -1.20 5.21
CA ILE A 12 1.61 -1.07 4.19
C ILE A 12 2.96 -0.74 4.78
N ASP A 13 2.98 -0.01 5.91
CA ASP A 13 4.25 0.39 6.55
C ASP A 13 5.00 -0.84 6.96
N PHE A 14 4.26 -1.83 7.45
CA PHE A 14 4.84 -3.10 7.78
C PHE A 14 5.47 -3.76 6.56
N LEU A 15 4.70 -3.87 5.49
CA LEU A 15 5.17 -4.45 4.27
C LEU A 15 6.28 -3.61 3.67
N ARG A 16 6.28 -2.37 3.98
CA ARG A 16 7.25 -1.45 3.47
C ARG A 16 8.56 -1.57 4.21
N GLN A 17 8.49 -2.06 5.43
CA GLN A 17 9.67 -2.39 6.20
C GLN A 17 10.26 -3.68 5.65
N ASN A 18 9.39 -4.49 5.05
CA ASN A 18 9.84 -5.72 4.38
C ASN A 18 10.37 -5.32 3.02
N GLY A 19 9.66 -4.41 2.41
CA GLY A 19 9.99 -3.87 1.14
C GLY A 19 8.73 -3.58 0.33
N LYS A 20 8.22 -2.31 0.42
CA LYS A 20 7.10 -1.84 -0.40
C LYS A 20 7.24 -2.26 -1.86
N SER A 21 6.12 -2.47 -2.52
CA SER A 21 6.16 -3.17 -3.78
C SER A 21 4.75 -3.24 -4.37
N ILE A 22 4.53 -4.20 -5.24
CA ILE A 22 3.26 -4.37 -5.91
C ILE A 22 2.27 -5.10 -5.03
N ALA A 23 1.02 -5.12 -5.50
CA ALA A 23 -0.11 -5.72 -4.80
C ALA A 23 0.08 -7.20 -4.46
N LEU A 24 0.91 -7.87 -5.24
CA LEU A 24 1.13 -9.30 -5.07
C LEU A 24 1.95 -9.51 -3.81
N THR A 25 2.94 -8.67 -3.64
CA THR A 25 3.84 -8.74 -2.53
C THR A 25 3.12 -8.41 -1.25
N ILE A 26 2.44 -7.26 -1.25
CA ILE A 26 1.73 -6.78 -0.09
C ILE A 26 0.81 -7.86 0.45
N ALA A 27 0.11 -8.52 -0.45
CA ALA A 27 -0.79 -9.61 -0.11
C ALA A 27 -0.07 -10.73 0.62
N LYS A 28 1.16 -11.00 0.22
CA LYS A 28 1.91 -12.06 0.79
C LYS A 28 2.47 -11.64 2.16
N GLU A 29 2.90 -10.39 2.27
CA GLU A 29 3.52 -9.93 3.50
C GLU A 29 2.49 -9.78 4.60
N ILE A 30 1.32 -9.29 4.25
CA ILE A 30 0.30 -9.07 5.27
C ILE A 30 -0.64 -10.26 5.42
N GLY A 31 -0.45 -11.26 4.57
CA GLY A 31 -1.25 -12.47 4.64
C GLY A 31 -2.68 -12.28 4.19
N LEU A 32 -2.92 -11.25 3.41
CA LEU A 32 -4.26 -10.98 2.93
C LEU A 32 -4.33 -11.34 1.46
N ASP A 33 -5.41 -10.99 0.80
CA ASP A 33 -5.50 -11.30 -0.59
C ASP A 33 -5.11 -10.07 -1.42
N LYS A 34 -5.07 -10.23 -2.70
CA LYS A 34 -4.58 -9.27 -3.63
C LYS A 34 -5.70 -8.31 -3.91
N SER A 35 -6.92 -8.77 -3.70
CA SER A 35 -8.10 -8.03 -3.98
C SER A 35 -8.25 -6.99 -2.91
N THR A 36 -7.90 -7.43 -1.74
CA THR A 36 -7.86 -6.66 -0.58
C THR A 36 -6.86 -5.51 -0.77
N VAL A 37 -5.62 -5.84 -1.11
CA VAL A 37 -4.57 -4.86 -1.35
C VAL A 37 -4.99 -3.87 -2.44
N ASN A 38 -5.64 -4.39 -3.49
CA ASN A 38 -6.16 -3.55 -4.57
C ASN A 38 -7.05 -2.46 -4.07
N ARG A 39 -7.94 -2.78 -3.13
CA ARG A 39 -8.82 -1.72 -2.66
C ARG A 39 -8.01 -0.65 -1.95
N HIS A 40 -7.06 -1.08 -1.13
CA HIS A 40 -6.29 -0.15 -0.31
C HIS A 40 -5.51 0.82 -1.17
N LEU A 41 -4.92 0.29 -2.23
CA LEU A 41 -4.05 1.08 -3.08
C LEU A 41 -4.82 1.99 -4.00
N TYR A 42 -5.99 1.57 -4.34
CA TYR A 42 -6.81 2.28 -5.21
C TYR A 42 -7.54 3.35 -4.51
N ASN A 43 -7.92 3.03 -3.30
CA ASN A 43 -8.66 3.98 -2.47
C ASN A 43 -7.83 5.18 -2.19
N LEU A 44 -6.55 4.98 -1.91
CA LEU A 44 -5.75 6.08 -1.56
C LEU A 44 -5.05 6.66 -2.77
N GLN A 45 -5.12 5.94 -3.89
CA GLN A 45 -4.59 6.45 -5.15
C GLN A 45 -5.42 7.60 -5.60
N ARG A 46 -6.73 7.49 -5.33
CA ARG A 46 -7.70 8.51 -5.70
C ARG A 46 -7.39 9.80 -4.97
N SER A 47 -6.83 9.66 -3.81
CA SER A 47 -6.52 10.77 -2.95
C SER A 47 -5.07 11.25 -3.17
N ASN A 48 -4.29 10.52 -4.00
CA ASN A 48 -2.88 10.84 -4.27
C ASN A 48 -2.06 10.76 -3.01
N GLN A 49 -2.46 9.88 -2.13
CA GLN A 49 -1.73 9.62 -0.94
C GLN A 49 -0.88 8.39 -1.24
N VAL A 50 -1.51 7.37 -1.79
CA VAL A 50 -0.84 6.20 -2.16
C VAL A 50 -0.97 6.05 -3.64
N PHE A 51 0.04 5.65 -4.23
CA PHE A 51 0.12 5.40 -5.66
C PHE A 51 1.36 4.61 -5.96
N ASN A 52 1.73 4.49 -7.22
CA ASN A 52 2.94 3.81 -7.62
C ASN A 52 3.88 4.70 -8.34
N SER A 53 5.00 4.91 -7.72
CA SER A 53 5.97 5.87 -8.22
C SER A 53 7.37 5.64 -7.58
N ASN A 54 8.11 6.77 -7.45
CA ASN A 54 9.37 6.97 -6.66
C ASN A 54 10.61 6.15 -7.05
N GLU A 55 10.45 5.07 -7.73
CA GLU A 55 11.57 4.21 -7.99
C GLU A 55 11.41 3.44 -9.27
N LYS A 56 12.44 2.66 -9.63
CA LYS A 56 12.45 1.88 -10.88
C LYS A 56 11.22 0.97 -11.01
N PRO A 57 10.87 0.15 -9.99
CA PRO A 57 9.61 -0.51 -9.99
C PRO A 57 8.60 0.41 -9.31
N PRO A 58 7.59 0.94 -10.07
CA PRO A 58 6.58 1.86 -9.52
C PRO A 58 6.05 1.35 -8.18
N VAL A 59 6.44 2.04 -7.13
CA VAL A 59 6.21 1.54 -5.80
C VAL A 59 4.84 1.79 -5.31
N TRP A 60 4.20 0.78 -4.84
CA TRP A 60 3.01 0.99 -4.13
C TRP A 60 3.45 1.16 -2.72
N ASP A 61 3.54 2.40 -2.42
CA ASP A 61 4.00 2.95 -1.17
C ASP A 61 3.32 4.29 -1.07
N LEU A 62 3.57 4.96 -0.05
CA LEU A 62 2.92 6.19 0.23
C LEU A 62 3.83 7.33 0.69
N MET A 63 3.23 8.48 0.97
CA MET A 63 3.96 9.70 1.33
C MET A 63 4.01 9.93 2.83
N GLU A 64 3.80 8.89 3.58
CA GLU A 64 3.77 8.96 5.02
C GLU A 64 4.58 7.78 5.56
#